data_5EZS
#
_entry.id   5EZS
#
_cell.length_a   60.890
_cell.length_b   63.630
_cell.length_c   86.750
_cell.angle_alpha   90.00
_cell.angle_beta   90.00
_cell.angle_gamma   90.00
#
_symmetry.space_group_name_H-M   'P 21 21 21'
#
loop_
_entity.id
_entity.type
_entity.pdbx_description
1 polymer 'Non-structural Protein 2 Cysteine Protease'
2 non-polymer 'ethyl (3S)-3-hydroxy-4-({(2S)-4-methyl-1-[(3-methylbutyl)amino]-1-oxopentan-2-yl}amino)-4-oxobutanoate'
3 water water
#
_entity_poly.entity_id   1
_entity_poly.type   'polypeptide(L)'
_entity_poly.pdbx_seq_one_letter_code
;GSMRHILERPDPTDVFQNKANVCWAKALVPVLKTAGIDMTTEQWNTVDYFETDKAHSAEIVLNQLCVRFFGLDLDSGLFS
APTVPLSIRNNHWDNSPSPNMYGLNKEVVRQLSRRYPQLPRAVATGRVYDMNTGTLRNYDPRINLVPVNRRLPHALVLHH
NEHPQSDFSSFVSKLKGRTVLVVGEKLSVPGKMVDWLSDRPEATFRARLDLGIPGDVPKYDIIFVNVRTPYKYHHYQQCE
DHAIKLSMLTKKACLHLNPGGTCVSIGYGYADRASESIIGAIARQFKFSRVCKPKSSLEETEVLFVFIGYDRKARTHNPY
KLSSTLTNIYTGSRLHEA
;
_entity_poly.pdbx_strand_id   A
#
# COMPACT_ATOMS: atom_id res chain seq x y z
N ASP A 14 -1.20 21.35 -18.74
CA ASP A 14 -1.75 19.97 -18.50
C ASP A 14 -0.80 19.16 -17.62
N VAL A 15 -1.17 19.00 -16.36
CA VAL A 15 -0.32 18.29 -15.40
C VAL A 15 -0.21 16.78 -15.66
N PHE A 16 -1.19 16.23 -16.38
CA PHE A 16 -1.25 14.80 -16.75
C PHE A 16 -0.74 14.48 -18.16
N GLN A 17 0.07 15.37 -18.74
CA GLN A 17 0.66 15.15 -20.06
C GLN A 17 1.53 13.89 -20.04
N ASN A 18 1.44 13.11 -21.13
CA ASN A 18 2.19 11.86 -21.31
C ASN A 18 1.90 10.74 -20.29
N LYS A 19 0.73 10.78 -19.65
CA LYS A 19 0.31 9.75 -18.68
C LYS A 19 -0.96 9.07 -19.18
N ALA A 20 -0.95 7.74 -19.23
CA ALA A 20 -2.08 6.94 -19.69
C ALA A 20 -2.89 6.25 -18.57
N ASN A 21 -2.30 6.14 -17.37
CA ASN A 21 -2.86 5.27 -16.33
C ASN A 21 -3.17 5.97 -15.01
N VAL A 22 -3.30 7.31 -15.03
CA VAL A 22 -3.45 8.11 -13.81
C VAL A 22 -4.85 8.74 -13.61
N CYS A 23 -5.88 8.07 -14.14
N CYS A 23 -5.85 8.05 -14.15
CA CYS A 23 -7.26 8.33 -13.81
CA CYS A 23 -7.21 8.41 -13.85
C CYS A 23 -7.49 8.69 -12.31
C CYS A 23 -7.51 8.65 -12.33
N TRP A 24 -6.91 7.92 -11.41
CA TRP A 24 -6.93 8.16 -9.95
C TRP A 24 -6.46 9.55 -9.54
N ALA A 25 -5.39 10.04 -10.16
CA ALA A 25 -4.86 11.36 -9.86
C ALA A 25 -5.83 12.46 -10.31
N LYS A 26 -6.29 12.33 -11.50
CA LYS A 26 -7.44 12.98 -12.05
CA LYS A 26 -7.57 12.98 -12.01
C LYS A 26 -8.84 13.23 -11.22
N ALA A 27 -9.30 12.03 -10.80
CA ALA A 27 -10.40 11.91 -9.87
C ALA A 27 -10.11 12.61 -8.54
N LEU A 28 -8.86 12.61 -8.11
CA LEU A 28 -8.48 13.29 -6.87
C LEU A 28 -8.49 14.82 -6.91
N VAL A 29 -8.36 15.41 -8.10
CA VAL A 29 -8.28 16.87 -8.25
C VAL A 29 -9.39 17.60 -7.48
N PRO A 30 -10.68 17.28 -7.74
CA PRO A 30 -11.75 17.99 -7.00
C PRO A 30 -11.81 17.70 -5.50
N VAL A 31 -11.36 16.52 -5.10
CA VAL A 31 -11.31 16.15 -3.67
C VAL A 31 -10.26 17.02 -2.97
N LEU A 32 -9.06 17.03 -3.56
CA LEU A 32 -7.94 17.82 -3.04
C LEU A 32 -8.22 19.33 -3.03
N LYS A 33 -8.95 19.80 -4.04
CA LYS A 33 -9.37 21.20 -4.15
C LYS A 33 -10.20 21.69 -2.95
N THR A 34 -10.97 20.81 -2.32
CA THR A 34 -11.72 21.18 -1.11
C THR A 34 -10.81 21.59 0.06
N ALA A 35 -9.55 21.15 0.03
CA ALA A 35 -8.53 21.56 1.00
C ALA A 35 -7.52 22.59 0.41
N GLY A 36 -7.96 23.32 -0.61
CA GLY A 36 -7.12 24.31 -1.30
C GLY A 36 -5.94 23.79 -2.09
N ILE A 37 -5.82 22.47 -2.22
CA ILE A 37 -4.62 21.85 -2.80
C ILE A 37 -4.72 21.89 -4.33
N ASP A 38 -3.61 22.27 -4.95
CA ASP A 38 -3.47 22.25 -6.40
C ASP A 38 -2.10 21.59 -6.67
N MET A 39 -2.12 20.33 -7.08
CA MET A 39 -0.90 19.58 -7.33
C MET A 39 -0.33 19.94 -8.70
N THR A 40 0.93 20.34 -8.73
CA THR A 40 1.68 20.52 -9.98
C THR A 40 2.20 19.16 -10.44
N THR A 41 2.68 19.12 -11.69
CA THR A 41 3.28 17.91 -12.27
C THR A 41 4.44 17.41 -11.42
N GLU A 42 5.35 18.33 -11.08
CA GLU A 42 6.50 18.05 -10.20
C GLU A 42 6.06 17.42 -8.88
N GLN A 43 5.05 18.02 -8.28
CA GLN A 43 4.48 17.53 -7.02
C GLN A 43 3.80 16.16 -7.18
N TRP A 44 3.06 15.98 -8.28
CA TRP A 44 2.51 14.66 -8.61
C TRP A 44 3.58 13.58 -8.79
N ASN A 45 4.75 13.95 -9.34
CA ASN A 45 5.87 13.02 -9.53
C ASN A 45 6.47 12.45 -8.23
N THR A 46 6.16 13.05 -7.07
CA THR A 46 6.57 12.50 -5.78
C THR A 46 5.70 11.32 -5.33
N VAL A 47 4.60 11.06 -6.03
CA VAL A 47 3.83 9.81 -5.92
C VAL A 47 4.43 8.84 -6.95
N ASP A 48 4.93 7.70 -6.47
CA ASP A 48 5.67 6.74 -7.29
C ASP A 48 4.92 6.29 -8.54
N TYR A 49 3.66 5.91 -8.34
CA TYR A 49 2.80 5.42 -9.43
C TYR A 49 2.38 6.49 -10.44
N PHE A 50 2.40 7.75 -10.06
CA PHE A 50 2.23 8.84 -11.03
C PHE A 50 3.46 8.91 -11.93
N GLU A 51 4.63 8.94 -11.30
CA GLU A 51 5.92 9.02 -12.01
C GLU A 51 6.15 7.83 -12.95
N THR A 52 5.81 6.62 -12.50
CA THR A 52 5.92 5.39 -13.31
C THR A 52 4.66 5.06 -14.13
N ASP A 53 3.61 5.87 -13.94
CA ASP A 53 2.38 5.83 -14.74
C ASP A 53 1.68 4.47 -14.62
N LYS A 54 1.22 4.19 -13.41
CA LYS A 54 0.54 2.94 -13.09
C LYS A 54 -0.81 3.17 -12.44
N ALA A 55 -1.68 2.18 -12.61
CA ALA A 55 -2.99 2.12 -11.97
C ALA A 55 -2.82 2.06 -10.45
N HIS A 56 -3.66 2.81 -9.77
CA HIS A 56 -3.63 2.96 -8.35
C HIS A 56 -5.03 3.23 -7.76
N SER A 57 -5.11 3.11 -6.46
CA SER A 57 -6.25 3.47 -5.69
C SER A 57 -6.17 4.95 -5.33
N ALA A 58 -7.14 5.68 -5.83
CA ALA A 58 -7.36 7.08 -5.43
C ALA A 58 -7.45 7.26 -3.91
N GLU A 59 -8.02 6.28 -3.21
CA GLU A 59 -8.22 6.34 -1.77
C GLU A 59 -6.91 6.24 -0.98
N ILE A 60 -6.05 5.31 -1.39
CA ILE A 60 -4.72 5.17 -0.78
C ILE A 60 -3.89 6.42 -1.04
N VAL A 61 -3.92 6.91 -2.28
CA VAL A 61 -3.22 8.14 -2.64
C VAL A 61 -3.72 9.34 -1.83
N LEU A 62 -5.03 9.44 -1.64
CA LEU A 62 -5.63 10.50 -0.82
C LEU A 62 -5.08 10.49 0.62
N ASN A 63 -5.03 9.29 1.19
CA ASN A 63 -4.44 9.08 2.52
C ASN A 63 -2.96 9.48 2.57
N GLN A 64 -2.22 9.14 1.51
CA GLN A 64 -0.82 9.54 1.40
C GLN A 64 -0.65 11.05 1.39
N LEU A 65 -1.43 11.71 0.54
CA LEU A 65 -1.38 13.17 0.43
C LEU A 65 -1.90 13.88 1.68
N CYS A 66 -2.94 13.34 2.30
CA CYS A 66 -3.46 13.88 3.57
C CYS A 66 -2.39 13.94 4.66
N VAL A 67 -1.60 12.87 4.76
CA VAL A 67 -0.48 12.79 5.70
C VAL A 67 0.61 13.79 5.34
N ARG A 68 1.01 13.81 4.06
CA ARG A 68 2.10 14.68 3.63
C ARG A 68 1.78 16.16 3.83
N PHE A 69 0.56 16.55 3.46
CA PHE A 69 0.11 17.92 3.63
C PHE A 69 -0.16 18.27 5.08
N PHE A 70 -1.00 17.47 5.74
CA PHE A 70 -1.59 17.88 7.02
C PHE A 70 -1.16 17.05 8.23
N GLY A 71 -0.20 16.13 8.02
CA GLY A 71 0.33 15.28 9.10
C GLY A 71 -0.67 14.33 9.75
N LEU A 72 -1.77 14.07 9.06
CA LEU A 72 -2.88 13.26 9.57
C LEU A 72 -3.37 12.32 8.46
N ASP A 73 -3.81 11.12 8.83
CA ASP A 73 -4.37 10.16 7.87
C ASP A 73 -5.89 10.23 7.88
N LEU A 74 -6.54 9.43 7.06
CA LEU A 74 -8.01 9.54 6.87
C LEU A 74 -8.84 9.20 8.10
N ASP A 75 -8.26 8.46 9.05
CA ASP A 75 -8.95 8.18 10.31
C ASP A 75 -9.10 9.39 11.25
N SER A 76 -8.38 10.47 10.97
CA SER A 76 -8.66 11.78 11.59
C SER A 76 -10.04 12.34 11.23
N GLY A 77 -10.61 11.91 10.11
CA GLY A 77 -11.87 12.42 9.60
C GLY A 77 -11.72 13.70 8.80
N LEU A 78 -10.49 14.11 8.51
CA LEU A 78 -10.22 15.39 7.86
C LEU A 78 -10.87 15.51 6.48
N PHE A 79 -10.97 14.39 5.76
CA PHE A 79 -11.65 14.33 4.45
C PHE A 79 -12.96 13.53 4.48
N SER A 80 -13.62 13.50 5.64
CA SER A 80 -14.84 12.69 5.82
C SER A 80 -16.14 13.40 5.40
N ALA A 81 -16.07 14.64 4.93
CA ALA A 81 -17.24 15.31 4.36
C ALA A 81 -17.62 14.64 3.03
N PRO A 82 -18.91 14.30 2.83
CA PRO A 82 -19.34 13.67 1.58
C PRO A 82 -19.59 14.67 0.46
N THR A 83 -18.51 15.27 -0.04
CA THR A 83 -18.56 16.39 -0.99
C THR A 83 -18.39 15.92 -2.45
N VAL A 84 -17.37 15.13 -2.69
CA VAL A 84 -16.99 14.70 -4.04
C VAL A 84 -16.87 13.17 -4.06
N PRO A 85 -17.50 12.49 -5.04
CA PRO A 85 -17.36 11.04 -5.10
C PRO A 85 -16.08 10.51 -5.75
N LEU A 86 -15.48 9.49 -5.13
CA LEU A 86 -14.44 8.71 -5.79
C LEU A 86 -15.03 7.35 -6.13
N SER A 87 -15.24 7.13 -7.42
CA SER A 87 -15.98 5.98 -7.92
C SER A 87 -15.16 5.21 -8.96
N ILE A 88 -15.47 3.93 -9.09
CA ILE A 88 -14.87 3.08 -10.09
C ILE A 88 -15.95 2.62 -11.07
N ARG A 89 -15.78 2.97 -12.35
CA ARG A 89 -16.56 2.39 -13.45
C ARG A 89 -15.61 1.90 -14.54
N ASN A 90 -15.84 0.68 -15.02
CA ASN A 90 -14.97 0.01 -16.01
C ASN A 90 -13.48 0.05 -15.66
N ASN A 91 -13.18 -0.20 -14.39
CA ASN A 91 -11.80 -0.17 -13.89
C ASN A 91 -11.09 1.17 -14.19
N HIS A 92 -11.85 2.24 -14.06
N HIS A 92 -11.84 2.23 -14.08
CA HIS A 92 -11.41 3.57 -14.19
CA HIS A 92 -11.39 3.57 -14.19
C HIS A 92 -11.99 4.40 -13.02
C HIS A 92 -11.95 4.36 -12.98
N TRP A 93 -11.11 5.16 -12.37
CA TRP A 93 -11.56 6.04 -11.27
C TRP A 93 -12.17 7.27 -11.91
N ASP A 94 -13.28 7.74 -11.36
CA ASP A 94 -13.86 9.02 -11.75
C ASP A 94 -14.68 9.61 -10.58
N ASN A 95 -15.34 10.74 -10.83
CA ASN A 95 -16.18 11.40 -9.82
C ASN A 95 -17.68 11.23 -10.02
N SER A 96 -18.09 10.10 -10.61
CA SER A 96 -19.48 9.84 -10.92
C SER A 96 -20.23 9.53 -9.62
N PRO A 97 -21.54 9.83 -9.56
CA PRO A 97 -22.28 9.62 -8.31
C PRO A 97 -22.18 8.21 -7.73
N SER A 98 -21.72 8.11 -6.49
CA SER A 98 -21.74 6.86 -5.72
C SER A 98 -21.71 7.21 -4.23
N PRO A 99 -22.08 6.25 -3.36
CA PRO A 99 -21.99 6.45 -1.90
C PRO A 99 -20.57 6.22 -1.35
N ASN A 100 -19.59 6.88 -1.98
CA ASN A 100 -18.19 6.83 -1.58
C ASN A 100 -17.62 8.21 -1.84
N MET A 101 -17.85 9.11 -0.88
CA MET A 101 -17.63 10.54 -1.07
C MET A 101 -16.63 11.09 -0.04
N TYR A 102 -15.90 12.12 -0.46
CA TYR A 102 -14.79 12.69 0.30
C TYR A 102 -14.75 14.19 0.14
N GLY A 103 -14.11 14.84 1.11
CA GLY A 103 -13.95 16.29 1.09
C GLY A 103 -13.60 16.81 2.45
N LEU A 104 -12.90 17.96 2.47
CA LEU A 104 -12.53 18.61 3.72
C LEU A 104 -13.74 18.75 4.64
N ASN A 105 -13.60 18.25 5.87
CA ASN A 105 -14.64 18.31 6.88
C ASN A 105 -14.31 19.45 7.84
N LYS A 106 -15.05 20.56 7.69
CA LYS A 106 -14.78 21.78 8.44
C LYS A 106 -15.05 21.69 9.94
N GLU A 107 -16.00 20.85 10.33
CA GLU A 107 -16.24 20.58 11.72
C GLU A 107 -15.02 19.91 12.34
N VAL A 108 -14.49 18.91 11.65
CA VAL A 108 -13.25 18.24 12.07
C VAL A 108 -12.07 19.22 12.10
N VAL A 109 -11.98 20.09 11.10
CA VAL A 109 -10.95 21.12 11.10
C VAL A 109 -11.05 21.99 12.36
N ARG A 110 -12.28 22.36 12.70
CA ARG A 110 -12.56 23.21 13.87
C ARG A 110 -12.13 22.51 15.16
N GLN A 111 -12.51 21.23 15.30
CA GLN A 111 -12.10 20.44 16.46
CA GLN A 111 -12.09 20.39 16.43
C GLN A 111 -10.58 20.39 16.57
N LEU A 112 -9.89 20.14 15.47
CA LEU A 112 -8.41 20.05 15.44
C LEU A 112 -7.64 21.36 15.64
N SER A 113 -8.30 22.49 15.41
CA SER A 113 -7.65 23.80 15.45
C SER A 113 -7.13 24.21 16.84
N ARG A 114 -7.75 23.70 17.89
CA ARG A 114 -7.30 23.95 19.25
C ARG A 114 -5.88 23.40 19.48
N ARG A 115 -5.65 22.16 19.08
CA ARG A 115 -4.31 21.55 19.11
C ARG A 115 -3.40 22.08 18.02
N TYR A 116 -3.97 22.43 16.87
CA TYR A 116 -3.21 22.82 15.68
C TYR A 116 -3.66 24.19 15.10
N PRO A 117 -3.24 25.31 15.74
CA PRO A 117 -3.82 26.62 15.43
C PRO A 117 -3.78 27.08 13.95
N GLN A 118 -2.70 26.79 13.23
CA GLN A 118 -2.61 27.18 11.80
C GLN A 118 -3.15 26.13 10.81
N LEU A 119 -3.76 25.06 11.31
CA LEU A 119 -4.31 24.02 10.42
C LEU A 119 -5.46 24.52 9.53
N PRO A 120 -6.38 25.36 10.09
CA PRO A 120 -7.43 25.90 9.23
C PRO A 120 -6.90 26.69 8.03
N ARG A 121 -5.86 27.49 8.24
CA ARG A 121 -5.23 28.23 7.14
C ARG A 121 -4.58 27.30 6.10
N ALA A 122 -3.92 26.25 6.58
CA ALA A 122 -3.33 25.22 5.71
C ALA A 122 -4.35 24.60 4.77
N VAL A 123 -5.47 24.15 5.33
CA VAL A 123 -6.55 23.53 4.54
C VAL A 123 -7.36 24.54 3.73
N ALA A 124 -7.30 25.82 4.08
CA ALA A 124 -7.89 26.89 3.28
C ALA A 124 -7.04 27.22 2.04
N THR A 125 -5.72 27.05 2.15
CA THR A 125 -4.78 27.54 1.14
C THR A 125 -3.88 26.46 0.53
N GLY A 126 -4.19 25.19 0.79
CA GLY A 126 -3.43 24.07 0.23
C GLY A 126 -1.95 24.07 0.57
N ARG A 127 -1.65 24.41 1.81
CA ARG A 127 -0.28 24.46 2.32
C ARG A 127 -0.04 23.30 3.26
N VAL A 128 1.22 22.92 3.39
CA VAL A 128 1.64 21.87 4.31
C VAL A 128 1.60 22.42 5.73
N TYR A 129 0.86 21.74 6.60
CA TYR A 129 0.93 21.98 8.03
C TYR A 129 2.06 21.12 8.59
N ASP A 130 3.16 21.78 8.93
CA ASP A 130 4.33 21.12 9.48
C ASP A 130 4.01 20.76 10.93
N MET A 131 3.71 19.48 11.15
CA MET A 131 3.37 18.96 12.49
C MET A 131 4.46 19.20 13.52
N ASN A 132 5.66 19.37 13.02
CA ASN A 132 6.80 19.72 13.83
C ASN A 132 6.86 21.17 14.29
N THR A 133 6.50 22.12 13.43
CA THR A 133 6.67 23.53 13.80
C THR A 133 5.36 24.25 14.08
N GLY A 134 4.24 23.66 13.64
CA GLY A 134 2.98 24.36 13.57
C GLY A 134 2.90 25.42 12.48
N THR A 135 3.93 25.52 11.62
CA THR A 135 3.99 26.58 10.60
C THR A 135 3.72 25.99 9.22
N LEU A 136 3.42 26.87 8.28
CA LEU A 136 2.97 26.50 6.93
C LEU A 136 4.16 26.44 5.97
N ARG A 137 4.17 25.40 5.12
CA ARG A 137 5.22 25.24 4.10
C ARG A 137 4.62 24.94 2.75
N ASN A 138 5.43 25.14 1.72
CA ASN A 138 5.14 24.61 0.39
C ASN A 138 5.31 23.10 0.43
N TYR A 139 4.70 22.43 -0.53
CA TYR A 139 4.70 20.97 -0.57
C TYR A 139 6.12 20.38 -0.64
N ASP A 140 6.37 19.45 0.28
CA ASP A 140 7.59 18.64 0.31
C ASP A 140 7.19 17.34 1.01
N PRO A 141 7.42 16.18 0.38
CA PRO A 141 6.99 14.91 0.98
C PRO A 141 7.75 14.46 2.24
N ARG A 142 8.81 15.17 2.62
CA ARG A 142 9.62 14.80 3.79
C ARG A 142 9.24 15.47 5.10
N ILE A 143 8.35 16.46 5.04
CA ILE A 143 7.98 17.24 6.22
C ILE A 143 7.16 16.43 7.22
N ASN A 144 6.12 15.77 6.74
CA ASN A 144 5.27 14.90 7.59
C ASN A 144 5.39 13.44 7.16
N LEU A 145 6.25 12.70 7.83
CA LEU A 145 6.59 11.31 7.45
C LEU A 145 5.63 10.27 8.02
N VAL A 146 5.01 10.57 9.17
CA VAL A 146 4.02 9.68 9.79
C VAL A 146 2.75 10.45 10.17
N PRO A 147 1.58 9.77 10.17
CA PRO A 147 0.37 10.42 10.66
C PRO A 147 0.40 10.50 12.19
N VAL A 148 0.30 11.70 12.75
CA VAL A 148 0.40 11.88 14.21
C VAL A 148 -0.82 11.33 14.96
N ASN A 149 -1.95 11.21 14.27
CA ASN A 149 -3.16 10.65 14.85
C ASN A 149 -3.17 9.12 14.97
N ARG A 150 -2.29 8.45 14.21
CA ARG A 150 -2.27 6.99 14.13
C ARG A 150 -1.38 6.37 15.19
N ARG A 151 -1.97 5.50 16.01
CA ARG A 151 -1.20 4.62 16.88
C ARG A 151 -0.65 3.49 16.01
N LEU A 152 0.65 3.50 15.75
CA LEU A 152 1.26 2.48 14.91
C LEU A 152 1.14 1.11 15.58
N PRO A 153 0.61 0.10 14.85
CA PRO A 153 0.40 -1.22 15.47
C PRO A 153 1.69 -1.97 15.80
N HIS A 154 2.79 -1.62 15.14
CA HIS A 154 4.10 -2.16 15.49
C HIS A 154 5.17 -1.10 15.26
N ALA A 155 6.37 -1.40 15.76
CA ALA A 155 7.52 -0.52 15.62
C ALA A 155 8.05 -0.50 14.19
N LEU A 156 8.59 0.64 13.79
CA LEU A 156 9.24 0.80 12.49
C LEU A 156 10.75 0.78 12.71
N VAL A 157 11.49 0.53 11.64
CA VAL A 157 12.93 0.35 11.71
C VAL A 157 13.61 1.66 12.05
N LEU A 158 14.71 1.52 12.77
CA LEU A 158 15.45 2.63 13.27
C LEU A 158 16.29 3.19 12.12
N HIS A 159 16.94 2.29 11.38
CA HIS A 159 17.76 2.66 10.22
C HIS A 159 17.45 1.82 8.98
N HIS A 160 17.45 2.48 7.82
CA HIS A 160 17.32 1.81 6.53
C HIS A 160 18.61 2.01 5.72
N ASN A 161 19.08 0.95 5.07
CA ASN A 161 20.27 1.00 4.20
C ASN A 161 19.96 0.45 2.83
N GLU A 162 20.84 0.77 1.88
CA GLU A 162 20.71 0.31 0.49
C GLU A 162 21.48 -1.01 0.33
N HIS A 163 20.73 -2.11 0.27
CA HIS A 163 21.29 -3.44 0.07
C HIS A 163 20.96 -3.90 -1.34
N PRO A 164 21.61 -4.99 -1.81
CA PRO A 164 21.10 -5.64 -3.01
C PRO A 164 19.76 -6.29 -2.73
N GLN A 165 19.05 -6.66 -3.78
CA GLN A 165 17.78 -7.35 -3.61
C GLN A 165 17.97 -8.73 -2.96
N SER A 166 16.97 -9.12 -2.18
CA SER A 166 17.01 -10.38 -1.46
C SER A 166 16.75 -11.53 -2.42
N ASP A 167 17.51 -12.61 -2.24
CA ASP A 167 17.30 -13.86 -2.98
C ASP A 167 16.52 -14.82 -2.09
N PHE A 168 15.26 -15.07 -2.48
CA PHE A 168 14.36 -15.92 -1.71
C PHE A 168 14.16 -17.35 -2.26
N SER A 169 15.02 -17.75 -3.20
CA SER A 169 14.93 -19.06 -3.85
C SER A 169 14.96 -20.22 -2.86
N SER A 170 15.92 -20.16 -1.94
CA SER A 170 16.10 -21.17 -0.91
C SER A 170 14.89 -21.32 0.00
N PHE A 171 14.40 -20.18 0.50
CA PHE A 171 13.19 -20.12 1.33
C PHE A 171 12.01 -20.80 0.65
N VAL A 172 11.72 -20.43 -0.57
CA VAL A 172 10.56 -20.94 -1.33
C VAL A 172 10.67 -22.44 -1.64
N SER A 173 11.88 -22.88 -1.98
CA SER A 173 12.16 -24.29 -2.26
C SER A 173 11.91 -25.20 -1.08
N LYS A 174 12.04 -24.65 0.14
CA LYS A 174 11.77 -25.36 1.39
C LYS A 174 10.30 -25.38 1.83
N LEU A 175 9.44 -24.62 1.16
CA LEU A 175 8.01 -24.66 1.45
C LEU A 175 7.36 -25.96 0.97
N LYS A 176 6.31 -26.38 1.66
CA LYS A 176 5.55 -27.57 1.30
C LYS A 176 4.61 -27.22 0.14
N GLY A 177 4.67 -28.02 -0.92
CA GLY A 177 3.79 -27.89 -2.09
C GLY A 177 4.56 -28.21 -3.36
N ARG A 178 3.84 -28.64 -4.40
CA ARG A 178 4.48 -29.01 -5.67
C ARG A 178 4.45 -27.89 -6.73
N THR A 179 3.30 -27.22 -6.86
CA THR A 179 3.09 -26.22 -7.90
C THR A 179 3.22 -24.81 -7.35
N VAL A 180 4.09 -24.03 -7.98
CA VAL A 180 4.42 -22.67 -7.56
C VAL A 180 4.03 -21.68 -8.67
N LEU A 181 3.42 -20.56 -8.27
CA LEU A 181 3.34 -19.38 -9.13
C LEU A 181 4.19 -18.27 -8.51
N VAL A 182 5.20 -17.82 -9.27
CA VAL A 182 6.00 -16.64 -8.89
C VAL A 182 5.40 -15.42 -9.57
N VAL A 183 5.09 -14.40 -8.77
CA VAL A 183 4.50 -13.15 -9.26
C VAL A 183 5.55 -12.05 -9.14
N GLY A 184 5.79 -11.35 -10.23
CA GLY A 184 6.75 -10.22 -10.24
C GLY A 184 8.08 -10.58 -10.85
N GLU A 185 9.14 -10.43 -10.07
CA GLU A 185 10.48 -10.72 -10.54
C GLU A 185 10.71 -12.23 -10.63
N LYS A 186 11.55 -12.63 -11.58
CA LYS A 186 11.82 -14.03 -11.86
C LYS A 186 12.46 -14.69 -10.66
N LEU A 187 12.06 -15.93 -10.38
CA LEU A 187 12.67 -16.70 -9.30
C LEU A 187 12.78 -18.17 -9.68
N SER A 188 13.99 -18.69 -9.60
CA SER A 188 14.26 -20.10 -9.75
C SER A 188 13.93 -20.80 -8.44
N VAL A 189 13.14 -21.87 -8.52
CA VAL A 189 12.78 -22.67 -7.33
C VAL A 189 13.11 -24.14 -7.61
N PRO A 190 14.29 -24.62 -7.15
CA PRO A 190 14.68 -26.01 -7.36
C PRO A 190 13.72 -27.02 -6.75
N GLY A 191 13.42 -28.08 -7.49
CA GLY A 191 12.57 -29.18 -7.00
C GLY A 191 11.08 -28.98 -7.14
N LYS A 192 10.67 -27.84 -7.71
CA LYS A 192 9.26 -27.55 -7.92
C LYS A 192 8.99 -27.06 -9.34
N MET A 193 7.73 -27.22 -9.73
CA MET A 193 7.21 -26.55 -10.89
C MET A 193 6.75 -25.15 -10.58
N VAL A 194 7.19 -24.28 -11.48
CA VAL A 194 7.11 -22.87 -11.38
C VAL A 194 6.50 -22.32 -12.64
N ASP A 195 5.35 -21.66 -12.48
CA ASP A 195 4.82 -20.74 -13.46
C ASP A 195 5.27 -19.35 -13.02
N TRP A 196 5.33 -18.44 -13.99
CA TRP A 196 5.83 -17.09 -13.77
C TRP A 196 4.86 -16.05 -14.33
N LEU A 197 4.32 -15.21 -13.44
CA LEU A 197 3.43 -14.09 -13.80
C LEU A 197 4.20 -12.78 -13.70
N SER A 198 4.33 -12.08 -14.82
CA SER A 198 5.10 -10.84 -14.90
C SER A 198 4.76 -10.09 -16.19
N ASP A 199 5.12 -8.81 -16.30
CA ASP A 199 4.92 -8.07 -17.56
C ASP A 199 6.17 -8.14 -18.45
N ARG A 200 6.69 -9.34 -18.64
CA ARG A 200 7.86 -9.56 -19.47
C ARG A 200 7.53 -10.55 -20.56
N PRO A 201 8.21 -10.45 -21.72
CA PRO A 201 7.93 -11.37 -22.83
C PRO A 201 8.15 -12.86 -22.51
N GLU A 202 9.08 -13.18 -21.61
CA GLU A 202 9.42 -14.58 -21.27
C GLU A 202 8.50 -15.20 -20.21
N ALA A 203 7.56 -14.42 -19.67
CA ALA A 203 6.70 -14.90 -18.58
C ALA A 203 5.70 -15.93 -19.09
N THR A 204 5.35 -16.87 -18.21
CA THR A 204 4.31 -17.87 -18.49
C THR A 204 2.99 -17.18 -18.77
N PHE A 205 2.68 -16.22 -17.89
CA PHE A 205 1.52 -15.36 -18.03
C PHE A 205 2.02 -13.93 -18.08
N ARG A 206 1.83 -13.28 -19.23
CA ARG A 206 2.26 -11.90 -19.39
C ARG A 206 1.10 -10.94 -19.17
N ALA A 207 1.28 -10.03 -18.22
CA ALA A 207 0.27 -9.04 -17.91
C ALA A 207 0.87 -7.89 -17.11
N ARG A 208 0.19 -6.75 -17.19
CA ARG A 208 0.48 -5.59 -16.36
C ARG A 208 0.12 -5.88 -14.90
N LEU A 209 1.12 -5.96 -14.04
CA LEU A 209 0.90 -6.32 -12.64
C LEU A 209 0.15 -5.28 -11.81
N ASP A 210 0.20 -4.01 -12.22
CA ASP A 210 -0.65 -2.97 -11.59
C ASP A 210 -2.18 -3.18 -11.79
N LEU A 211 -2.57 -4.03 -12.75
CA LEU A 211 -3.97 -4.44 -12.93
C LEU A 211 -4.34 -5.72 -12.16
N GLY A 212 -3.36 -6.30 -11.48
CA GLY A 212 -3.58 -7.42 -10.55
C GLY A 212 -3.33 -8.76 -11.19
N ILE A 213 -3.53 -9.83 -10.44
CA ILE A 213 -3.46 -11.20 -10.99
C ILE A 213 -4.64 -11.38 -11.94
N PRO A 214 -4.37 -11.72 -13.23
CA PRO A 214 -5.49 -11.94 -14.15
C PRO A 214 -6.40 -13.09 -13.70
N GLY A 215 -7.71 -12.91 -13.89
CA GLY A 215 -8.71 -13.92 -13.53
C GLY A 215 -8.47 -15.30 -14.12
N ASP A 216 -7.92 -15.34 -15.32
CA ASP A 216 -7.67 -16.59 -16.04
C ASP A 216 -6.39 -17.35 -15.62
N VAL A 217 -5.59 -16.80 -14.70
CA VAL A 217 -4.46 -17.54 -14.12
C VAL A 217 -5.04 -18.73 -13.32
N PRO A 218 -4.40 -19.91 -13.39
CA PRO A 218 -5.01 -21.07 -12.70
C PRO A 218 -4.74 -21.09 -11.19
N LYS A 219 -4.97 -22.24 -10.55
CA LYS A 219 -4.73 -22.44 -9.13
C LYS A 219 -3.43 -23.19 -8.84
N TYR A 220 -2.79 -22.86 -7.73
CA TYR A 220 -1.47 -23.40 -7.32
C TYR A 220 -1.41 -23.80 -5.87
N ASP A 221 -0.37 -24.56 -5.52
CA ASP A 221 -0.09 -24.95 -4.14
C ASP A 221 0.57 -23.80 -3.38
N ILE A 222 1.51 -23.14 -4.05
CA ILE A 222 2.26 -22.02 -3.48
C ILE A 222 2.22 -20.84 -4.46
N ILE A 223 1.86 -19.67 -3.95
CA ILE A 223 2.05 -18.41 -4.66
C ILE A 223 3.05 -17.58 -3.88
N PHE A 224 4.12 -17.16 -4.54
CA PHE A 224 5.11 -16.25 -3.97
C PHE A 224 5.05 -14.89 -4.68
N VAL A 225 4.68 -13.84 -3.95
CA VAL A 225 4.64 -12.49 -4.50
C VAL A 225 6.02 -11.87 -4.36
N ASN A 226 6.79 -11.93 -5.46
CA ASN A 226 8.18 -11.49 -5.50
C ASN A 226 8.25 -10.05 -6.01
N VAL A 227 7.62 -9.15 -5.26
CA VAL A 227 7.46 -7.75 -5.67
C VAL A 227 7.94 -6.85 -4.56
N ARG A 228 8.80 -5.91 -4.93
CA ARG A 228 9.39 -4.95 -4.01
C ARG A 228 8.88 -3.56 -4.27
N THR A 229 9.08 -2.69 -3.29
CA THR A 229 8.67 -1.29 -3.36
C THR A 229 9.83 -0.41 -2.89
N PRO A 230 10.18 0.62 -3.67
CA PRO A 230 11.35 1.43 -3.28
C PRO A 230 11.15 2.26 -2.00
N TYR A 231 12.18 2.26 -1.15
CA TYR A 231 12.28 3.17 -0.02
C TYR A 231 12.72 4.53 -0.56
N LYS A 232 12.00 5.58 -0.18
CA LYS A 232 12.36 6.97 -0.56
C LYS A 232 12.62 7.81 0.69
N TYR A 233 11.58 7.99 1.51
CA TYR A 233 11.63 8.92 2.65
C TYR A 233 11.60 8.25 4.04
N HIS A 234 10.88 7.14 4.18
CA HIS A 234 10.59 6.55 5.49
C HIS A 234 9.94 5.16 5.33
N HIS A 235 10.04 4.33 6.38
CA HIS A 235 9.40 3.00 6.43
C HIS A 235 7.89 3.11 6.13
N TYR A 236 7.22 4.04 6.81
CA TYR A 236 5.82 4.41 6.54
C TYR A 236 5.52 4.59 5.05
N GLN A 237 6.28 5.46 4.39
CA GLN A 237 6.12 5.70 2.95
C GLN A 237 6.27 4.42 2.13
N GLN A 238 7.32 3.67 2.42
CA GLN A 238 7.58 2.42 1.70
C GLN A 238 6.41 1.46 1.89
N CYS A 239 5.95 1.36 3.13
CA CYS A 239 4.83 0.50 3.46
C CYS A 239 3.55 0.91 2.72
N GLU A 240 3.21 2.19 2.76
CA GLU A 240 1.97 2.66 2.10
C GLU A 240 2.04 2.59 0.57
N ASP A 241 3.22 2.80 -0.02
CA ASP A 241 3.43 2.59 -1.46
C ASP A 241 3.33 1.11 -1.91
N HIS A 242 3.57 0.19 -0.99
CA HIS A 242 3.45 -1.24 -1.23
C HIS A 242 2.01 -1.78 -1.06
N ALA A 243 1.17 -1.03 -0.33
CA ALA A 243 -0.19 -1.42 0.01
C ALA A 243 -1.05 -1.85 -1.18
N ILE A 244 -1.00 -1.05 -2.25
CA ILE A 244 -1.73 -1.36 -3.48
C ILE A 244 -1.32 -2.71 -4.09
N LYS A 245 -0.04 -3.04 -3.99
CA LYS A 245 0.47 -4.33 -4.48
C LYS A 245 -0.03 -5.53 -3.64
N LEU A 246 -0.13 -5.35 -2.32
CA LEU A 246 -0.78 -6.35 -1.46
C LEU A 246 -2.24 -6.59 -1.83
N SER A 247 -2.93 -5.51 -2.20
CA SER A 247 -4.33 -5.60 -2.64
C SER A 247 -4.44 -6.28 -3.99
N MET A 248 -3.70 -5.76 -4.97
CA MET A 248 -3.80 -6.24 -6.35
C MET A 248 -3.18 -7.62 -6.61
N LEU A 249 -2.12 -7.96 -5.86
CA LEU A 249 -1.44 -9.25 -6.05
C LEU A 249 -1.68 -10.23 -4.92
N THR A 250 -1.20 -9.90 -3.72
CA THR A 250 -1.26 -10.82 -2.58
C THR A 250 -2.68 -11.22 -2.19
N LYS A 251 -3.61 -10.26 -2.19
CA LYS A 251 -4.98 -10.55 -1.86
C LYS A 251 -5.69 -11.33 -2.99
N LYS A 252 -5.51 -10.91 -4.23
CA LYS A 252 -6.05 -11.63 -5.39
C LYS A 252 -5.51 -13.06 -5.52
N ALA A 253 -4.28 -13.26 -5.05
CA ALA A 253 -3.64 -14.58 -5.03
C ALA A 253 -4.42 -15.65 -4.27
N CYS A 254 -5.19 -15.23 -3.27
CA CYS A 254 -6.11 -16.11 -2.52
C CYS A 254 -7.17 -16.79 -3.39
N LEU A 255 -7.54 -16.17 -4.52
CA LEU A 255 -8.41 -16.81 -5.51
C LEU A 255 -7.71 -17.83 -6.41
N HIS A 256 -6.39 -17.89 -6.33
CA HIS A 256 -5.59 -18.77 -7.20
C HIS A 256 -4.83 -19.84 -6.42
N LEU A 257 -5.44 -20.29 -5.32
CA LEU A 257 -4.84 -21.29 -4.46
C LEU A 257 -5.70 -22.53 -4.37
N ASN A 258 -5.05 -23.69 -4.41
CA ASN A 258 -5.71 -24.96 -4.11
C ASN A 258 -6.09 -25.00 -2.63
N PRO A 259 -7.08 -25.84 -2.27
CA PRO A 259 -7.42 -25.98 -0.84
C PRO A 259 -6.18 -26.33 0.00
N GLY A 260 -6.00 -25.60 1.10
CA GLY A 260 -4.82 -25.77 1.95
C GLY A 260 -3.53 -25.18 1.41
N GLY A 261 -3.62 -24.37 0.35
CA GLY A 261 -2.44 -23.79 -0.28
C GLY A 261 -1.82 -22.67 0.54
N THR A 262 -0.69 -22.20 0.03
CA THR A 262 0.16 -21.21 0.69
C THR A 262 0.38 -19.97 -0.18
N CYS A 263 0.30 -18.79 0.45
CA CYS A 263 0.74 -17.55 -0.19
C CYS A 263 1.80 -16.86 0.66
N VAL A 264 2.95 -16.58 0.06
CA VAL A 264 4.02 -15.85 0.71
C VAL A 264 4.23 -14.56 -0.06
N SER A 265 4.43 -13.46 0.66
CA SER A 265 4.55 -12.15 0.04
C SER A 265 5.62 -11.30 0.69
N ILE A 266 6.46 -10.68 -0.14
CA ILE A 266 7.32 -9.58 0.29
C ILE A 266 6.41 -8.46 0.81
N GLY A 267 6.86 -7.85 1.90
CA GLY A 267 6.17 -6.74 2.51
C GLY A 267 7.08 -5.96 3.42
N TYR A 268 6.47 -4.96 4.08
CA TYR A 268 7.18 -4.02 4.94
C TYR A 268 6.39 -3.75 6.20
N GLY A 269 5.63 -4.75 6.66
CA GLY A 269 4.72 -4.62 7.75
C GLY A 269 3.39 -4.02 7.32
N TYR A 270 2.72 -3.36 8.25
CA TYR A 270 1.53 -2.55 7.96
C TYR A 270 1.50 -1.24 8.76
N ALA A 271 2.51 -0.40 8.51
CA ALA A 271 2.59 0.94 9.10
C ALA A 271 1.34 1.80 8.82
N ASP A 272 0.80 1.67 7.62
CA ASP A 272 -0.38 2.43 7.20
C ASP A 272 -1.68 1.66 7.35
N ARG A 273 -2.77 2.40 7.39
CA ARG A 273 -4.11 1.86 7.63
C ARG A 273 -4.58 0.86 6.57
N ALA A 274 -4.23 1.09 5.31
CA ALA A 274 -4.68 0.18 4.23
C ALA A 274 -3.99 -1.17 4.27
N SER A 275 -2.67 -1.18 4.34
CA SER A 275 -1.86 -2.38 4.54
C SER A 275 -2.40 -3.24 5.69
N GLU A 276 -2.70 -2.60 6.81
CA GLU A 276 -3.23 -3.30 7.97
C GLU A 276 -4.55 -4.00 7.67
N SER A 277 -5.46 -3.26 7.05
CA SER A 277 -6.76 -3.79 6.63
C SER A 277 -6.62 -4.93 5.62
N ILE A 278 -5.80 -4.73 4.60
CA ILE A 278 -5.56 -5.74 3.58
C ILE A 278 -4.97 -7.03 4.17
N ILE A 279 -3.93 -6.90 5.00
CA ILE A 279 -3.29 -8.06 5.64
C ILE A 279 -4.28 -8.84 6.51
N GLY A 280 -5.09 -8.11 7.27
CA GLY A 280 -6.14 -8.71 8.11
C GLY A 280 -7.14 -9.52 7.30
N ALA A 281 -7.60 -8.96 6.18
CA ALA A 281 -8.51 -9.65 5.28
C ALA A 281 -7.89 -10.88 4.59
N ILE A 282 -6.59 -10.81 4.27
CA ILE A 282 -5.88 -11.98 3.73
C ILE A 282 -5.73 -13.05 4.81
N ALA A 283 -5.21 -12.65 5.97
CA ALA A 283 -4.93 -13.57 7.09
C ALA A 283 -6.11 -14.46 7.52
N ARG A 284 -7.32 -13.90 7.48
CA ARG A 284 -8.55 -14.61 7.86
C ARG A 284 -8.92 -15.83 6.99
N GLN A 285 -8.38 -15.87 5.78
CA GLN A 285 -8.62 -16.97 4.84
C GLN A 285 -7.67 -18.17 5.00
N PHE A 286 -6.80 -18.12 6.00
CA PHE A 286 -5.76 -19.14 6.21
C PHE A 286 -5.76 -19.68 7.64
N LYS A 287 -5.41 -20.96 7.78
CA LYS A 287 -5.30 -21.62 9.07
C LYS A 287 -4.14 -21.05 9.88
N PHE A 288 -3.04 -20.73 9.20
CA PHE A 288 -1.87 -20.10 9.82
C PHE A 288 -1.44 -18.86 9.05
N SER A 289 -1.02 -17.84 9.80
CA SER A 289 -0.42 -16.65 9.23
C SER A 289 0.72 -16.21 10.14
N ARG A 290 1.88 -16.00 9.56
CA ARG A 290 3.03 -15.48 10.30
C ARG A 290 3.83 -14.49 9.47
N VAL A 291 4.77 -13.83 10.14
CA VAL A 291 5.76 -12.98 9.47
C VAL A 291 7.13 -13.52 9.84
N CYS A 292 8.04 -13.49 8.89
CA CYS A 292 9.44 -13.79 9.17
C CYS A 292 10.38 -12.95 8.32
N LYS A 293 11.65 -12.99 8.71
CA LYS A 293 12.71 -12.29 8.01
C LYS A 293 13.89 -13.24 7.90
N PRO A 294 13.95 -14.02 6.80
CA PRO A 294 15.10 -14.93 6.58
C PRO A 294 16.42 -14.20 6.54
N LYS A 295 17.50 -14.96 6.74
CA LYS A 295 18.86 -14.41 6.73
C LYS A 295 19.18 -13.76 5.38
N SER A 296 18.59 -14.28 4.31
CA SER A 296 18.70 -13.70 2.97
C SER A 296 17.97 -12.36 2.75
N SER A 297 17.13 -11.95 3.70
CA SER A 297 16.43 -10.67 3.61
C SER A 297 17.29 -9.54 4.19
N LEU A 298 17.93 -8.78 3.30
CA LEU A 298 18.92 -7.78 3.69
C LEU A 298 18.30 -6.42 4.02
N GLU A 299 17.52 -5.87 3.08
CA GLU A 299 16.84 -4.58 3.30
C GLU A 299 16.12 -4.61 4.66
N GLU A 300 16.42 -3.64 5.52
CA GLU A 300 16.01 -3.70 6.93
C GLU A 300 14.49 -3.67 7.16
N THR A 301 13.78 -2.95 6.28
CA THR A 301 12.32 -2.86 6.34
C THR A 301 11.59 -4.09 5.78
N GLU A 302 12.30 -4.92 5.03
CA GLU A 302 11.71 -6.06 4.34
C GLU A 302 11.37 -7.21 5.29
N VAL A 303 10.20 -7.79 5.07
CA VAL A 303 9.79 -9.06 5.68
C VAL A 303 9.01 -9.88 4.65
N LEU A 304 8.81 -11.14 4.99
CA LEU A 304 7.92 -12.03 4.25
C LEU A 304 6.69 -12.32 5.10
N PHE A 305 5.51 -11.99 4.57
CA PHE A 305 4.24 -12.47 5.12
C PHE A 305 4.03 -13.89 4.64
N VAL A 306 3.70 -14.79 5.57
CA VAL A 306 3.55 -16.21 5.28
C VAL A 306 2.14 -16.64 5.65
N PHE A 307 1.37 -17.05 4.64
CA PHE A 307 -0.02 -17.46 4.83
C PHE A 307 -0.15 -18.91 4.40
N ILE A 308 -0.40 -19.79 5.38
CA ILE A 308 -0.41 -21.23 5.14
C ILE A 308 -1.77 -21.83 5.47
N GLY A 309 -2.30 -22.61 4.53
CA GLY A 309 -3.51 -23.41 4.77
C GLY A 309 -4.77 -22.69 4.34
N TYR A 310 -4.80 -22.28 3.08
CA TYR A 310 -5.94 -21.57 2.53
C TYR A 310 -7.22 -22.41 2.64
N ASP A 311 -8.26 -21.81 3.20
CA ASP A 311 -9.60 -22.39 3.20
C ASP A 311 -10.63 -21.27 3.11
N ARG A 312 -11.90 -21.66 2.99
CA ARG A 312 -13.00 -20.69 2.97
C ARG A 312 -13.77 -20.68 4.31
N LYS A 313 -13.10 -21.08 5.39
CA LYS A 313 -13.69 -21.12 6.73
C LYS A 313 -13.76 -19.74 7.35
N ALA A 314 -14.86 -19.50 8.07
CA ALA A 314 -15.04 -18.29 8.86
C ALA A 314 -14.09 -18.36 10.05
N ARG A 315 -13.45 -17.25 10.32
CA ARG A 315 -12.30 -17.20 11.21
C ARG A 315 -11.96 -15.76 11.53
N THR A 316 -11.85 -15.45 12.82
CA THR A 316 -11.35 -14.14 13.25
C THR A 316 -9.84 -14.16 13.26
N HIS A 317 -9.27 -12.97 13.15
CA HIS A 317 -7.83 -12.75 13.11
C HIS A 317 -7.45 -11.85 14.26
N ASN A 318 -6.43 -12.23 15.03
CA ASN A 318 -5.87 -11.36 16.06
C ASN A 318 -4.64 -10.64 15.51
N PRO A 319 -4.78 -9.35 15.14
CA PRO A 319 -3.62 -8.62 14.57
C PRO A 319 -2.41 -8.50 15.51
N TYR A 320 -2.64 -8.57 16.81
CA TYR A 320 -1.54 -8.55 17.80
C TYR A 320 -0.47 -9.61 17.58
N LYS A 321 -0.83 -10.76 17.02
CA LYS A 321 0.14 -11.83 16.74
C LYS A 321 1.19 -11.40 15.71
N LEU A 322 0.75 -10.97 14.53
CA LEU A 322 1.68 -10.47 13.50
C LEU A 322 2.39 -9.17 13.92
N SER A 323 1.67 -8.29 14.63
CA SER A 323 2.25 -7.01 15.10
C SER A 323 3.39 -7.22 16.10
N SER A 324 3.19 -8.14 17.04
CA SER A 324 4.22 -8.55 17.99
C SER A 324 5.49 -9.01 17.27
N THR A 325 5.30 -9.90 16.29
CA THR A 325 6.40 -10.40 15.47
C THR A 325 7.12 -9.30 14.69
N LEU A 326 6.36 -8.39 14.10
CA LEU A 326 6.94 -7.27 13.34
C LEU A 326 7.76 -6.35 14.24
N THR A 327 7.21 -6.03 15.41
CA THR A 327 7.93 -5.26 16.42
C THR A 327 9.27 -5.92 16.81
N ASN A 328 9.24 -7.24 17.01
CA ASN A 328 10.46 -8.00 17.33
C ASN A 328 11.51 -7.94 16.23
N ILE A 329 11.08 -8.24 15.01
CA ILE A 329 11.95 -8.21 13.83
C ILE A 329 12.65 -6.87 13.66
N TYR A 330 11.87 -5.79 13.76
CA TYR A 330 12.35 -4.44 13.44
C TYR A 330 13.14 -3.75 14.57
N THR A 331 12.97 -4.22 15.81
CA THR A 331 13.70 -3.67 16.97
C THR A 331 14.79 -4.60 17.53
N GLY A 332 15.00 -5.72 16.85
CA GLY A 332 15.93 -6.76 17.32
C GLY A 332 15.58 -7.38 18.66
N SER A 333 14.31 -7.36 19.04
CA SER A 333 13.89 -7.81 20.38
C SER A 333 13.64 -9.31 20.40
#